data_8VUI
#
_entry.id   8VUI
#
_cell.length_a   56.390
_cell.length_b   71.930
_cell.length_c   197.020
_cell.angle_alpha   90.000
_cell.angle_beta   90.000
_cell.angle_gamma   90.000
#
_symmetry.space_group_name_H-M   'P 21 21 21'
#
loop_
_entity.id
_entity.type
_entity.pdbx_description
1 polymer 'S1CE VARIANT OF FAB-EPR-1 heavy chain'
2 polymer 'S1CE VARIANT OF FAB-EPR-1 light chain'
3 polymer 'Erythropoietin receptor'
4 non-polymer 1,2-ETHANEDIOL
5 non-polymer 'SODIUM ION'
6 non-polymer 'CHLORIDE ION'
7 non-polymer 2-acetamido-2-deoxy-beta-D-glucopyranose
8 non-polymer 'CITRIC ACID'
9 non-polymer 'AMMONIUM ION'
10 water water
#
loop_
_entity_poly.entity_id
_entity_poly.type
_entity_poly.pdbx_seq_one_letter_code
_entity_poly.pdbx_strand_id
1 'polypeptide(L)'
;EVQLVESGGGLVQPGGSLRLSCAASGFNLRSYYMHWVRQAPGKGLEWVASISPYYSYTYYADSVKGRFTISADTSKNTAY
LQMNSLRAEDTAVYYCARHGYGAMDYWGQGTLVTVFNQIKGPSVFPLAPSSKSTSGGTAALGCLVKDYFPEPVTVSWNSG
ALTSGVHTFPAVLQSSGLYSLSSVVTVPSSSLGTQTYICNVNHKPSNTKVDKKVEPKSCDKTHT
;
A
2 'polypeptide(L)'
;DIQMTQSPSSLSASVGDRVTITCRASQSVSSAVAWYQQKPGKAPKLLIYSASSLYSGVPSRFSGSRSGTDFTLTISSLQP
EDFATYYCQQSSYSLITFGQGTKVEIKRTVAAPSVFIFPPSDEQLKSGTASVVCLLNNFYPREAKVSWYVDNALQSGNSQ
ESVTEQDSKDSTYSLSSTLTLSKADYEKHKVYACEVTQGTTSVTKSFNRGEC
;
G
3 'polypeptide(L)'
;APPPNLPDPKFESKAALLAARGPEELLCFTERLEDLVCFWEEAASAGVGPGNYSFSYQLEDEPWKLCRLHQAPTARGAVR
FWCSLPTADTSSFVPLELRVTAASGAPRYHRVIHINEVVLLDAPVGLVARLADESGHVVLRWLPPPETPMTSHIRYEVDV
SAGNGAGSVQRVEILEGRTECVLSNLRGRTRYTFAVRARMAEPSFGGFWSAWSEPVSLLTPSDLDPHHHHHH
;
D
#
# COMPACT_ATOMS: atom_id res chain seq x y z
N GLU A 1 5.12 22.49 5.67
CA GLU A 1 6.14 22.61 6.70
C GLU A 1 6.91 21.31 6.86
N VAL A 2 6.20 20.19 6.89
CA VAL A 2 6.87 18.90 7.06
C VAL A 2 7.46 18.47 5.74
N GLN A 3 8.75 18.12 5.76
CA GLN A 3 9.46 17.72 4.55
C GLN A 3 10.40 16.58 4.89
N LEU A 4 10.51 15.62 3.98
CA LEU A 4 11.52 14.57 4.02
C LEU A 4 12.33 14.64 2.73
N VAL A 5 13.65 14.75 2.85
CA VAL A 5 14.57 14.86 1.70
C VAL A 5 15.59 13.72 1.79
N GLU A 6 15.57 12.83 0.81
CA GLU A 6 16.46 11.67 0.79
C GLU A 6 17.69 11.90 -0.07
N SER A 7 18.69 11.04 0.11
CA SER A 7 19.95 11.10 -0.62
C SER A 7 20.69 9.81 -0.36
N GLY A 8 21.78 9.60 -1.10
CA GLY A 8 22.66 8.48 -0.91
C GLY A 8 22.52 7.34 -1.91
N GLY A 9 21.39 7.23 -2.60
CA GLY A 9 21.22 6.16 -3.55
C GLY A 9 22.24 6.25 -4.68
N GLY A 10 22.57 5.10 -5.26
CA GLY A 10 23.54 5.09 -6.34
C GLY A 10 23.80 3.67 -6.81
N LEU A 11 24.78 3.56 -7.69
CA LEU A 11 25.23 2.27 -8.19
C LEU A 11 26.19 1.62 -7.20
N VAL A 12 25.93 0.36 -6.87
CA VAL A 12 26.76 -0.36 -5.91
C VAL A 12 26.85 -1.83 -6.33
N GLN A 13 28.02 -2.43 -6.10
CA GLN A 13 28.21 -3.85 -6.36
C GLN A 13 27.80 -4.66 -5.14
N PRO A 14 27.63 -5.98 -5.29
CA PRO A 14 27.52 -6.81 -4.09
C PRO A 14 28.90 -6.93 -3.45
N GLY A 15 28.93 -6.95 -2.13
CA GLY A 15 30.19 -6.75 -1.45
C GLY A 15 30.56 -5.31 -1.28
N GLY A 16 29.80 -4.39 -1.88
CA GLY A 16 29.89 -2.98 -1.55
C GLY A 16 28.89 -2.61 -0.46
N SER A 17 28.78 -1.31 -0.22
CA SER A 17 27.85 -0.81 0.77
C SER A 17 27.41 0.59 0.38
N LEU A 18 26.26 0.97 0.92
CA LEU A 18 25.60 2.25 0.67
C LEU A 18 24.99 2.69 1.99
N ARG A 19 24.87 4.01 2.18
CA ARG A 19 24.10 4.55 3.29
C ARG A 19 23.11 5.57 2.76
N LEU A 20 21.84 5.29 2.95
CA LEU A 20 20.78 6.19 2.53
C LEU A 20 20.49 7.17 3.66
N SER A 21 20.22 8.41 3.31
CA SER A 21 19.87 9.42 4.29
C SER A 21 18.45 9.92 4.04
N CYS A 22 17.82 10.40 5.10
CA CYS A 22 16.46 10.93 5.03
C CYS A 22 16.39 12.08 6.04
N ALA A 23 16.61 13.31 5.54
CA ALA A 23 16.66 14.49 6.40
C ALA A 23 15.26 15.06 6.55
N ALA A 24 14.84 15.28 7.79
CA ALA A 24 13.48 15.74 8.07
C ALA A 24 13.49 17.20 8.50
N SER A 25 12.42 17.91 8.17
CA SER A 25 12.21 19.25 8.68
C SER A 25 10.74 19.40 9.03
N GLY A 26 10.48 20.33 9.95
CA GLY A 26 9.13 20.59 10.38
C GLY A 26 8.62 19.66 11.44
N PHE A 27 9.45 18.73 11.92
CA PHE A 27 9.07 17.87 13.05
C PHE A 27 10.33 17.23 13.62
N ASN A 28 10.24 16.86 14.90
CA ASN A 28 11.32 16.15 15.59
C ASN A 28 11.27 14.67 15.21
N LEU A 29 12.28 14.21 14.47
CA LEU A 29 12.30 12.83 13.99
C LEU A 29 12.37 11.82 15.11
N ARG A 30 13.02 12.15 16.23
CA ARG A 30 13.12 11.21 17.33
C ARG A 30 11.78 10.89 17.97
N SER A 31 10.75 11.72 17.75
CA SER A 31 9.43 11.57 18.34
C SER A 31 8.49 10.70 17.51
N TYR A 32 8.97 10.11 16.42
CA TYR A 32 8.10 9.37 15.52
C TYR A 32 8.71 8.02 15.19
N TYR A 33 7.84 7.08 14.83
CA TYR A 33 8.30 5.94 14.05
C TYR A 33 8.69 6.42 12.67
N MET A 34 9.82 5.95 12.18
CA MET A 34 10.25 6.21 10.82
C MET A 34 10.32 4.88 10.08
N HIS A 35 9.95 4.90 8.80
CA HIS A 35 9.88 3.69 8.00
C HIS A 35 10.71 3.87 6.73
N TRP A 36 11.28 2.78 6.24
CA TRP A 36 11.85 2.72 4.91
C TRP A 36 11.01 1.74 4.10
N VAL A 37 10.63 2.15 2.91
CA VAL A 37 9.86 1.33 1.98
C VAL A 37 10.52 1.43 0.60
N ARG A 38 10.64 0.30 -0.09
CA ARG A 38 11.27 0.28 -1.39
C ARG A 38 10.31 -0.23 -2.44
N GLN A 39 10.63 0.07 -3.70
CA GLN A 39 9.77 -0.27 -4.83
C GLN A 39 10.68 -0.62 -6.01
N ALA A 40 10.80 -1.91 -6.31
CA ALA A 40 11.58 -2.36 -7.46
C ALA A 40 10.95 -1.83 -8.75
N PRO A 41 11.75 -1.68 -9.81
CA PRO A 41 11.20 -1.13 -11.06
C PRO A 41 10.00 -1.93 -11.53
N GLY A 42 8.89 -1.24 -11.71
CA GLY A 42 7.69 -1.88 -12.22
C GLY A 42 6.90 -2.67 -11.20
N LYS A 43 7.25 -2.60 -9.93
CA LYS A 43 6.57 -3.46 -8.97
C LYS A 43 5.94 -2.62 -7.87
N GLY A 44 5.41 -3.31 -6.87
CA GLY A 44 4.68 -2.68 -5.79
C GLY A 44 5.58 -2.22 -4.67
N LEU A 45 4.94 -1.88 -3.55
CA LEU A 45 5.64 -1.35 -2.38
C LEU A 45 5.98 -2.48 -1.42
N GLU A 46 7.17 -2.40 -0.84
CA GLU A 46 7.64 -3.42 0.09
C GLU A 46 8.29 -2.71 1.26
N TRP A 47 7.78 -2.95 2.46
CA TRP A 47 8.34 -2.35 3.66
C TRP A 47 9.68 -2.99 4.00
N VAL A 48 10.62 -2.17 4.50
CA VAL A 48 12.01 -2.58 4.67
C VAL A 48 12.44 -2.53 6.14
N ALA A 49 12.21 -1.40 6.80
CA ALA A 49 12.66 -1.28 8.18
C ALA A 49 11.87 -0.20 8.88
N SER A 50 11.91 -0.24 10.22
CA SER A 50 11.30 0.76 11.07
C SER A 50 12.16 0.99 12.30
N ILE A 51 12.17 2.23 12.77
CA ILE A 51 12.82 2.62 14.01
C ILE A 51 11.82 3.36 14.88
N SER A 52 11.82 3.03 16.20
CA SER A 52 10.81 3.51 17.14
C SER A 52 11.26 4.81 17.81
N PRO A 53 10.33 5.64 18.27
CA PRO A 53 10.72 6.89 18.90
C PRO A 53 11.31 6.68 20.28
N TYR A 54 12.24 7.58 20.64
CA TYR A 54 12.91 7.66 21.95
C TYR A 54 13.81 6.47 22.27
N TYR A 55 13.33 5.25 22.04
CA TYR A 55 14.13 4.09 22.37
C TYR A 55 14.90 3.54 21.18
N SER A 56 14.50 3.90 19.97
CA SER A 56 15.22 3.52 18.76
C SER A 56 15.17 2.01 18.52
N TYR A 57 14.12 1.33 19.00
CA TYR A 57 13.95 -0.07 18.64
C TYR A 57 13.86 -0.20 17.13
N THR A 58 14.49 -1.23 16.59
CA THR A 58 14.55 -1.43 15.14
C THR A 58 13.82 -2.70 14.74
N TYR A 59 13.13 -2.65 13.61
CA TYR A 59 12.39 -3.78 13.07
C TYR A 59 12.66 -3.87 11.57
N TYR A 60 12.85 -5.08 11.06
CA TYR A 60 13.29 -5.28 9.69
C TYR A 60 12.50 -6.36 8.98
N ALA A 61 12.26 -6.15 7.68
CA ALA A 61 11.81 -7.24 6.83
C ALA A 61 12.81 -8.39 6.87
N ASP A 62 12.26 -9.60 6.79
CA ASP A 62 13.10 -10.80 6.84
C ASP A 62 14.21 -10.75 5.79
N SER A 63 13.89 -10.27 4.59
CA SER A 63 14.85 -10.34 3.49
C SER A 63 16.03 -9.39 3.67
N VAL A 64 15.91 -8.42 4.56
CA VAL A 64 17.00 -7.47 4.79
C VAL A 64 17.67 -7.65 6.14
N LYS A 65 17.08 -8.43 7.05
CA LYS A 65 17.63 -8.66 8.37
C LYS A 65 19.06 -9.19 8.26
N GLY A 66 19.96 -8.58 9.02
CA GLY A 66 21.35 -8.98 8.98
C GLY A 66 22.16 -8.38 7.85
N ARG A 67 21.54 -7.63 6.95
CA ARG A 67 22.29 -6.91 5.93
C ARG A 67 22.06 -5.41 5.94
N PHE A 68 20.87 -4.94 6.28
CA PHE A 68 20.59 -3.52 6.38
C PHE A 68 20.46 -3.12 7.84
N THR A 69 20.79 -1.87 8.13
CA THR A 69 20.66 -1.32 9.46
C THR A 69 19.96 0.02 9.35
N ILE A 70 18.88 0.19 10.09
CA ILE A 70 18.20 1.47 10.18
C ILE A 70 18.72 2.13 11.44
N SER A 71 18.91 3.43 11.40
CA SER A 71 19.36 4.17 12.57
C SER A 71 18.88 5.61 12.41
N ALA A 72 19.15 6.40 13.45
CA ALA A 72 18.73 7.81 13.41
C ALA A 72 19.72 8.67 14.20
N ASP A 73 19.94 9.90 13.75
CA ASP A 73 20.81 10.85 14.46
C ASP A 73 19.92 12.03 14.84
N THR A 74 19.63 12.17 16.13
CA THR A 74 18.71 13.22 16.59
C THR A 74 19.30 14.60 16.32
N SER A 75 20.61 14.75 16.46
CA SER A 75 21.25 16.07 16.28
C SER A 75 20.94 16.58 14.87
N LYS A 76 21.11 15.71 13.89
CA LYS A 76 20.89 16.13 12.51
C LYS A 76 19.44 15.92 12.06
N ASN A 77 18.57 15.41 12.94
CA ASN A 77 17.16 15.17 12.64
C ASN A 77 17.02 14.35 11.36
N THR A 78 17.78 13.25 11.30
CA THR A 78 17.92 12.46 10.09
C THR A 78 17.85 10.97 10.43
N ALA A 79 17.21 10.20 9.57
CA ALA A 79 17.24 8.75 9.66
C ALA A 79 18.11 8.19 8.55
N TYR A 80 18.61 6.97 8.76
CA TYR A 80 19.54 6.36 7.83
C TYR A 80 19.16 4.93 7.53
N LEU A 81 19.52 4.48 6.33
CA LEU A 81 19.50 3.07 6.00
C LEU A 81 20.90 2.71 5.52
N GLN A 82 21.59 1.90 6.32
CA GLN A 82 22.89 1.38 5.95
C GLN A 82 22.67 0.05 5.23
N MET A 83 23.32 -0.13 4.09
CA MET A 83 23.06 -1.30 3.26
C MET A 83 24.38 -2.00 2.99
N ASN A 84 24.47 -3.28 3.38
CA ASN A 84 25.62 -4.14 3.06
C ASN A 84 25.10 -5.46 2.52
N SER A 85 26.01 -6.31 2.03
CA SER A 85 25.66 -7.61 1.44
C SER A 85 24.57 -7.47 0.37
N LEU A 86 24.76 -6.52 -0.54
CA LEU A 86 23.70 -6.16 -1.47
C LEU A 86 23.47 -7.24 -2.52
N ARG A 87 22.23 -7.29 -3.03
CA ARG A 87 21.80 -8.27 -4.02
C ARG A 87 20.92 -7.61 -5.07
N ALA A 88 20.67 -8.35 -6.15
CA ALA A 88 19.88 -7.82 -7.27
C ALA A 88 18.45 -7.51 -6.86
N GLU A 89 17.90 -8.26 -5.90
CA GLU A 89 16.59 -7.92 -5.37
C GLU A 89 16.60 -6.58 -4.63
N ASP A 90 17.78 -6.05 -4.31
CA ASP A 90 17.81 -4.78 -3.60
C ASP A 90 17.67 -3.58 -4.53
N THR A 91 17.78 -3.78 -5.84
CA THR A 91 17.62 -2.65 -6.76
C THR A 91 16.18 -2.13 -6.71
N ALA A 92 16.02 -0.86 -6.36
CA ALA A 92 14.71 -0.28 -6.11
C ALA A 92 14.87 1.21 -5.81
N VAL A 93 13.75 1.92 -5.89
CA VAL A 93 13.66 3.26 -5.33
C VAL A 93 13.30 3.08 -3.85
N TYR A 94 14.09 3.70 -2.97
CA TYR A 94 13.85 3.56 -1.54
C TYR A 94 13.22 4.86 -1.04
N TYR A 95 12.05 4.74 -0.41
CA TYR A 95 11.39 5.85 0.24
C TYR A 95 11.59 5.73 1.76
N CYS A 96 11.72 6.89 2.40
CA CYS A 96 11.50 6.98 3.84
C CYS A 96 10.14 7.64 4.10
N ALA A 97 9.53 7.30 5.24
CA ALA A 97 8.19 7.80 5.53
C ALA A 97 7.99 7.91 7.03
N ARG A 98 7.27 8.95 7.44
CA ARG A 98 6.93 9.16 8.84
C ARG A 98 5.63 8.43 9.17
N HIS A 99 5.52 8.02 10.43
CA HIS A 99 4.33 7.31 10.92
C HIS A 99 3.33 8.29 11.50
N GLY A 100 2.08 8.22 11.04
CA GLY A 100 1.03 9.08 11.54
C GLY A 100 -0.31 8.53 11.13
N TYR A 101 -1.30 8.71 12.01
CA TYR A 101 -2.64 8.17 11.79
C TYR A 101 -2.62 6.66 11.58
N GLY A 102 -1.72 5.97 12.27
CA GLY A 102 -1.58 4.54 12.06
C GLY A 102 -1.04 4.16 10.69
N ALA A 103 -0.52 5.13 9.96
CA ALA A 103 -0.05 4.84 8.60
C ALA A 103 1.20 5.66 8.30
N MET A 104 1.47 5.87 7.01
CA MET A 104 2.64 6.65 6.58
C MET A 104 2.11 7.93 5.93
N ASP A 105 2.14 9.04 6.66
CA ASP A 105 1.51 10.29 6.18
C ASP A 105 2.45 11.04 5.24
N TYR A 106 3.69 11.23 5.68
CA TYR A 106 4.64 11.99 4.87
C TYR A 106 5.73 11.06 4.37
N TRP A 107 6.14 11.29 3.11
CA TRP A 107 7.04 10.45 2.36
C TRP A 107 8.09 11.32 1.72
N GLY A 108 9.31 10.80 1.65
CA GLY A 108 10.35 11.44 0.87
C GLY A 108 10.12 11.24 -0.61
N GLN A 109 11.00 11.85 -1.41
CA GLN A 109 10.89 11.77 -2.86
C GLN A 109 11.51 10.50 -3.43
N GLY A 110 12.18 9.72 -2.62
CA GLY A 110 12.81 8.50 -3.12
C GLY A 110 14.23 8.73 -3.61
N THR A 111 15.05 7.69 -3.46
CA THR A 111 16.41 7.69 -3.97
C THR A 111 16.68 6.29 -4.50
N LEU A 112 17.34 6.23 -5.67
CA LEU A 112 17.45 4.99 -6.42
C LEU A 112 18.73 4.24 -6.05
N VAL A 113 18.59 2.97 -5.68
CA VAL A 113 19.71 2.07 -5.45
C VAL A 113 19.73 1.06 -6.59
N THR A 114 20.86 0.99 -7.30
CA THR A 114 21.01 0.10 -8.45
C THR A 114 22.16 -0.84 -8.18
N VAL A 115 21.88 -2.14 -8.14
CA VAL A 115 22.87 -3.17 -7.83
C VAL A 115 23.37 -3.79 -9.14
N PHE A 116 24.68 -3.96 -9.24
CA PHE A 116 25.31 -4.47 -10.45
C PHE A 116 26.60 -5.18 -10.07
N ASN A 117 26.92 -6.25 -10.78
CA ASN A 117 28.26 -6.82 -10.71
C ASN A 117 29.07 -6.61 -11.99
N GLN A 118 28.42 -6.20 -13.07
CA GLN A 118 29.04 -5.91 -14.34
C GLN A 118 28.33 -4.70 -14.95
N ILE A 119 29.09 -3.88 -15.66
CA ILE A 119 28.53 -2.79 -16.44
C ILE A 119 28.83 -3.08 -17.90
N LYS A 120 27.79 -2.99 -18.74
CA LYS A 120 27.93 -3.24 -20.18
C LYS A 120 27.11 -2.23 -20.94
N GLY A 121 27.74 -1.51 -21.86
CA GLY A 121 27.01 -0.60 -22.71
C GLY A 121 26.23 -1.36 -23.77
N PRO A 122 25.23 -0.71 -24.34
CA PRO A 122 24.36 -1.38 -25.31
C PRO A 122 24.95 -1.46 -26.73
N SER A 123 24.55 -2.51 -27.44
CA SER A 123 24.63 -2.55 -28.89
C SER A 123 23.33 -1.96 -29.45
N VAL A 124 23.43 -1.20 -30.53
CA VAL A 124 22.25 -0.55 -31.09
C VAL A 124 22.08 -0.98 -32.54
N PHE A 125 20.91 -1.52 -32.86
CA PHE A 125 20.67 -1.99 -34.21
C PHE A 125 19.47 -1.27 -34.81
N PRO A 126 19.48 -1.07 -36.13
CA PRO A 126 18.35 -0.39 -36.79
C PRO A 126 17.13 -1.31 -36.87
N LEU A 127 15.97 -0.70 -36.68
CA LEU A 127 14.69 -1.33 -37.06
C LEU A 127 14.26 -0.56 -38.31
N ALA A 128 14.63 -1.07 -39.49
CA ALA A 128 14.55 -0.24 -40.68
C ALA A 128 13.12 -0.20 -41.24
N PRO A 129 12.67 0.95 -41.72
CA PRO A 129 11.41 1.02 -42.44
C PRO A 129 11.54 0.41 -43.83
N SER A 130 10.40 0.04 -44.39
CA SER A 130 10.32 -0.30 -45.80
C SER A 130 9.98 0.96 -46.57
N SER A 131 10.90 1.44 -47.41
CA SER A 131 10.58 2.59 -48.25
C SER A 131 9.39 2.29 -49.15
N LYS A 132 9.37 1.11 -49.77
CA LYS A 132 8.27 0.71 -50.65
C LYS A 132 6.96 0.49 -49.92
N SER A 133 6.96 0.56 -48.59
CA SER A 133 5.75 0.50 -47.76
C SER A 133 5.01 -0.84 -47.83
N GLY A 136 1.65 1.95 -46.07
CA GLY A 136 0.95 3.01 -46.79
C GLY A 136 1.69 4.34 -46.67
N GLY A 137 0.90 5.40 -46.45
CA GLY A 137 1.40 6.71 -46.13
C GLY A 137 2.11 6.85 -44.80
N THR A 138 2.13 5.80 -43.97
CA THR A 138 2.80 5.84 -42.67
C THR A 138 3.76 4.66 -42.56
N ALA A 139 5.00 4.94 -42.12
CA ALA A 139 6.06 3.95 -41.95
C ALA A 139 6.50 3.88 -40.49
N ALA A 140 6.81 2.68 -40.01
CA ALA A 140 7.40 2.52 -38.69
C ALA A 140 8.89 2.27 -38.82
N LEU A 141 9.66 2.84 -37.89
CA LEU A 141 11.10 2.60 -37.84
C LEU A 141 11.53 2.72 -36.39
N GLY A 142 12.77 2.34 -36.10
CA GLY A 142 13.21 2.36 -34.72
C GLY A 142 14.66 1.92 -34.50
N CYS A 143 14.97 1.74 -33.23
CA CYS A 143 16.28 1.29 -32.78
C CYS A 143 16.10 0.21 -31.73
N LEU A 144 16.75 -0.93 -31.96
CA LEU A 144 16.84 -2.00 -30.98
C LEU A 144 18.08 -1.75 -30.14
N VAL A 145 17.89 -1.63 -28.83
CA VAL A 145 18.96 -1.30 -27.90
C VAL A 145 19.19 -2.56 -27.08
N LYS A 146 20.26 -3.30 -27.38
CA LYS A 146 20.39 -4.66 -26.88
C LYS A 146 21.57 -4.84 -25.94
N ASP A 147 21.35 -5.67 -24.92
CA ASP A 147 22.42 -6.25 -24.13
C ASP A 147 23.21 -5.24 -23.32
N TYR A 148 22.55 -4.48 -22.47
CA TYR A 148 23.24 -3.56 -21.59
C TYR A 148 22.91 -3.89 -20.13
N PHE A 149 23.69 -3.29 -19.23
CA PHE A 149 23.50 -3.49 -17.80
C PHE A 149 24.34 -2.48 -17.03
N PRO A 150 23.80 -1.91 -15.93
CA PRO A 150 22.42 -2.04 -15.48
C PRO A 150 21.50 -1.06 -16.22
N GLU A 151 20.26 -0.95 -15.78
N GLU A 151 20.26 -0.95 -15.73
CA GLU A 151 19.39 0.11 -16.26
CA GLU A 151 19.36 0.10 -16.18
C GLU A 151 19.85 1.43 -15.67
C GLU A 151 19.87 1.45 -15.65
N PRO A 152 19.54 2.56 -16.31
CA PRO A 152 18.69 2.74 -17.48
C PRO A 152 19.43 3.16 -18.75
N VAL A 153 18.67 3.12 -19.85
CA VAL A 153 19.14 3.72 -21.11
C VAL A 153 18.06 4.74 -21.44
N THR A 154 18.46 5.88 -21.98
CA THR A 154 17.47 6.88 -22.41
C THR A 154 17.56 6.89 -23.94
N VAL A 155 16.44 7.19 -24.60
CA VAL A 155 16.44 7.29 -26.09
C VAL A 155 15.68 8.52 -26.55
N SER A 156 16.31 9.34 -27.37
CA SER A 156 15.64 10.45 -28.05
C SER A 156 15.81 10.25 -29.55
N TRP A 157 15.06 11.03 -30.33
CA TRP A 157 15.14 11.00 -31.79
C TRP A 157 15.48 12.39 -32.31
N ASN A 158 16.39 12.45 -33.30
CA ASN A 158 16.90 13.71 -33.85
C ASN A 158 17.20 14.71 -32.76
N SER A 159 17.92 14.23 -31.74
CA SER A 159 18.35 15.01 -30.58
C SER A 159 17.18 15.64 -29.83
N GLY A 160 16.03 14.99 -29.84
CA GLY A 160 14.88 15.51 -29.16
C GLY A 160 14.02 16.43 -29.98
N ALA A 161 14.31 16.59 -31.27
CA ALA A 161 13.43 17.37 -32.12
C ALA A 161 12.22 16.55 -32.55
N LEU A 162 12.35 15.23 -32.64
CA LEU A 162 11.27 14.34 -33.02
C LEU A 162 10.73 13.66 -31.76
N THR A 163 9.51 14.00 -31.37
CA THR A 163 8.88 13.40 -30.20
C THR A 163 7.49 12.84 -30.52
N SER A 164 6.79 13.43 -31.47
CA SER A 164 5.46 12.95 -31.81
C SER A 164 5.55 11.56 -32.45
N GLY A 165 4.77 10.61 -31.93
CA GLY A 165 4.76 9.27 -32.46
C GLY A 165 5.83 8.34 -31.93
N VAL A 166 6.66 8.79 -31.00
CA VAL A 166 7.74 7.95 -30.48
C VAL A 166 7.20 7.06 -29.38
N HIS A 167 7.54 5.77 -29.41
CA HIS A 167 7.31 4.90 -28.28
C HIS A 167 8.62 4.24 -27.92
N THR A 168 9.11 4.51 -26.72
CA THR A 168 10.28 3.83 -26.17
C THR A 168 9.79 2.83 -25.14
N PHE A 169 9.99 1.56 -25.42
CA PHE A 169 9.34 0.56 -24.58
C PHE A 169 10.12 0.37 -23.27
N PRO A 170 9.44 0.01 -22.19
CA PRO A 170 10.16 -0.43 -20.98
C PRO A 170 11.16 -1.53 -21.33
N ALA A 171 12.28 -1.53 -20.62
CA ALA A 171 13.27 -2.57 -20.86
C ALA A 171 12.78 -3.92 -20.36
N VAL A 172 13.20 -4.99 -21.05
CA VAL A 172 12.99 -6.33 -20.53
C VAL A 172 14.33 -6.95 -20.16
N LEU A 173 14.29 -7.78 -19.13
CA LEU A 173 15.44 -8.55 -18.68
C LEU A 173 15.48 -9.84 -19.49
N GLN A 174 16.51 -9.99 -20.32
CA GLN A 174 16.59 -11.18 -21.13
C GLN A 174 17.13 -12.33 -20.31
N SER A 175 17.01 -13.53 -20.86
CA SER A 175 17.52 -14.71 -20.17
C SER A 175 19.01 -14.65 -19.95
N SER A 176 19.72 -13.81 -20.70
CA SER A 176 21.15 -13.66 -20.51
C SER A 176 21.51 -12.86 -19.27
N GLY A 177 20.53 -12.22 -18.63
CA GLY A 177 20.82 -11.32 -17.53
C GLY A 177 21.03 -9.87 -17.96
N LEU A 178 21.00 -9.58 -19.25
CA LEU A 178 21.20 -8.23 -19.74
C LEU A 178 19.86 -7.67 -20.16
N TYR A 179 19.75 -6.34 -20.13
CA TYR A 179 18.53 -5.66 -20.53
C TYR A 179 18.51 -5.42 -22.04
N SER A 180 17.31 -5.20 -22.56
CA SER A 180 17.10 -4.87 -23.95
C SER A 180 15.81 -4.08 -24.09
N LEU A 181 15.80 -3.09 -24.99
CA LEU A 181 14.57 -2.37 -25.31
C LEU A 181 14.61 -1.92 -26.75
N SER A 182 13.44 -1.54 -27.27
CA SER A 182 13.36 -0.81 -28.53
C SER A 182 12.68 0.53 -28.34
N SER A 183 13.05 1.44 -29.22
CA SER A 183 12.37 2.72 -29.36
C SER A 183 11.93 2.82 -30.81
N VAL A 184 10.66 3.18 -31.03
CA VAL A 184 10.12 3.20 -32.37
C VAL A 184 9.42 4.52 -32.58
N VAL A 185 9.27 4.91 -33.84
CA VAL A 185 8.51 6.09 -34.20
C VAL A 185 7.80 5.84 -35.53
N THR A 186 6.59 6.41 -35.68
CA THR A 186 5.86 6.38 -36.95
C THR A 186 6.02 7.71 -37.64
N VAL A 187 6.25 7.66 -38.95
CA VAL A 187 6.54 8.86 -39.75
C VAL A 187 5.87 8.71 -41.10
N PRO A 188 5.72 9.82 -41.84
CA PRO A 188 5.18 9.71 -43.21
C PRO A 188 6.13 8.95 -44.11
N SER A 189 5.57 7.98 -44.84
CA SER A 189 6.33 7.23 -45.84
C SER A 189 7.08 8.14 -46.82
N SER A 190 6.45 9.26 -47.22
CA SER A 190 7.07 10.11 -48.23
C SER A 190 8.30 10.84 -47.71
N SER A 191 8.46 10.95 -46.39
CA SER A 191 9.64 11.61 -45.83
C SER A 191 10.86 10.71 -45.77
N LEU A 192 10.71 9.42 -46.06
CA LEU A 192 11.82 8.48 -45.87
C LEU A 192 13.00 8.82 -46.78
N GLY A 193 12.74 9.32 -47.97
CA GLY A 193 13.84 9.65 -48.86
C GLY A 193 14.53 10.96 -48.54
N THR A 194 13.87 11.83 -47.78
CA THR A 194 14.34 13.20 -47.60
C THR A 194 14.72 13.54 -46.16
N GLN A 195 14.02 13.00 -45.16
CA GLN A 195 14.25 13.37 -43.78
C GLN A 195 15.14 12.33 -43.09
N THR A 196 16.09 12.81 -42.31
CA THR A 196 17.00 11.95 -41.57
C THR A 196 16.42 11.61 -40.20
N TYR A 197 16.53 10.33 -39.81
CA TYR A 197 16.05 9.85 -38.52
C TYR A 197 17.24 9.22 -37.77
N ILE A 198 17.60 9.82 -36.65
CA ILE A 198 18.72 9.36 -35.83
C ILE A 198 18.22 9.11 -34.42
N CYS A 199 18.45 7.90 -33.92
CA CYS A 199 18.12 7.64 -32.52
C CYS A 199 19.35 7.92 -31.65
N ASN A 200 19.12 8.61 -30.53
CA ASN A 200 20.21 9.01 -29.62
C ASN A 200 20.04 8.20 -28.35
N VAL A 201 20.90 7.20 -28.19
CA VAL A 201 20.85 6.25 -27.09
C VAL A 201 21.90 6.64 -26.06
N ASN A 202 21.50 6.87 -24.81
CA ASN A 202 22.43 7.20 -23.73
C ASN A 202 22.34 6.15 -22.64
N HIS A 203 23.50 5.61 -22.26
CA HIS A 203 23.61 4.67 -21.13
C HIS A 203 24.64 5.22 -20.14
N LYS A 204 24.17 6.07 -19.23
CA LYS A 204 25.08 6.74 -18.30
C LYS A 204 25.88 5.78 -17.42
N PRO A 205 25.37 4.62 -16.99
CA PRO A 205 26.25 3.73 -16.18
C PRO A 205 27.56 3.37 -16.87
N SER A 206 27.58 3.23 -18.20
CA SER A 206 28.81 2.85 -18.90
C SER A 206 29.44 4.03 -19.61
N ASN A 207 28.88 5.23 -19.41
CA ASN A 207 29.33 6.45 -20.07
C ASN A 207 29.43 6.21 -21.57
N THR A 208 28.35 5.63 -22.13
CA THR A 208 28.25 5.26 -23.53
C THR A 208 27.05 5.98 -24.16
N LYS A 209 27.29 6.63 -25.29
CA LYS A 209 26.25 7.30 -26.06
C LYS A 209 26.30 6.78 -27.49
N VAL A 210 25.16 6.38 -28.05
CA VAL A 210 25.14 5.87 -29.42
C VAL A 210 24.15 6.68 -30.23
N ASP A 211 24.60 7.19 -31.39
CA ASP A 211 23.75 7.89 -32.34
C ASP A 211 23.71 7.08 -33.64
N LYS A 212 22.52 6.62 -34.03
CA LYS A 212 22.37 5.67 -35.13
C LYS A 212 21.35 6.22 -36.14
N LYS A 213 21.81 6.54 -37.34
CA LYS A 213 20.88 6.90 -38.40
C LYS A 213 20.19 5.65 -38.94
N VAL A 214 18.87 5.66 -38.97
CA VAL A 214 18.11 4.50 -39.40
C VAL A 214 17.61 4.81 -40.80
N GLU A 215 18.04 4.03 -41.76
CA GLU A 215 17.76 4.30 -43.16
C GLU A 215 16.87 3.22 -43.73
N PRO A 216 16.09 3.51 -44.79
CA PRO A 216 15.35 2.43 -45.45
C PRO A 216 16.30 1.41 -46.02
N LYS A 217 15.91 0.15 -45.95
CA LYS A 217 16.81 -0.95 -46.31
C LYS A 217 16.92 -1.03 -47.82
N SER A 218 18.15 -0.89 -48.32
CA SER A 218 18.38 -1.03 -49.75
C SER A 218 18.26 -2.50 -50.15
N CYS A 219 17.42 -2.77 -51.14
CA CYS A 219 17.14 -4.14 -51.55
C CYS A 219 17.62 -4.39 -52.97
N ASP B 1 3.00 -14.16 8.95
CA ASP B 1 3.24 -13.13 7.94
C ASP B 1 1.94 -12.76 7.23
N ILE B 2 1.41 -11.57 7.53
CA ILE B 2 0.09 -11.20 7.02
C ILE B 2 0.17 -10.90 5.53
N GLN B 3 -0.73 -11.50 4.76
CA GLN B 3 -0.83 -11.22 3.33
C GLN B 3 -2.01 -10.31 3.03
N MET B 4 -1.76 -9.32 2.20
CA MET B 4 -2.78 -8.37 1.76
C MET B 4 -3.07 -8.69 0.29
N THR B 5 -4.12 -9.44 0.01
CA THR B 5 -4.42 -9.83 -1.37
C THR B 5 -5.36 -8.78 -1.98
N GLN B 6 -4.84 -7.99 -2.91
CA GLN B 6 -5.61 -6.97 -3.60
C GLN B 6 -6.20 -7.51 -4.89
N SER B 7 -7.46 -7.14 -5.14
CA SER B 7 -8.23 -7.53 -6.31
C SER B 7 -8.96 -6.30 -6.86
N PRO B 8 -8.95 -6.11 -8.18
CA PRO B 8 -8.24 -6.90 -9.18
C PRO B 8 -6.88 -6.29 -9.32
N SER B 9 -5.96 -6.92 -10.07
CA SER B 9 -4.66 -6.31 -10.25
C SER B 9 -4.75 -5.08 -11.15
N SER B 10 -5.75 -5.03 -12.02
CA SER B 10 -6.02 -3.81 -12.78
C SER B 10 -7.46 -3.83 -13.27
N LEU B 11 -7.94 -2.66 -13.64
CA LEU B 11 -9.28 -2.53 -14.18
C LEU B 11 -9.30 -1.28 -15.04
N SER B 12 -10.27 -1.22 -15.94
CA SER B 12 -10.43 -0.02 -16.75
C SER B 12 -11.82 0.53 -16.54
N ALA B 13 -11.91 1.85 -16.43
CA ALA B 13 -13.18 2.48 -16.12
C ALA B 13 -13.19 3.86 -16.75
N SER B 14 -14.37 4.47 -16.74
CA SER B 14 -14.59 5.78 -17.33
C SER B 14 -14.82 6.81 -16.25
N VAL B 15 -14.62 8.07 -16.63
CA VAL B 15 -14.96 9.19 -15.77
C VAL B 15 -16.42 9.08 -15.37
N GLY B 16 -16.69 9.16 -14.07
CA GLY B 16 -18.02 9.03 -13.56
C GLY B 16 -18.39 7.65 -13.09
N ASP B 17 -17.56 6.65 -13.38
CA ASP B 17 -17.85 5.30 -12.93
C ASP B 17 -17.64 5.15 -11.43
N ARG B 18 -18.37 4.21 -10.84
CA ARG B 18 -18.13 3.79 -9.46
C ARG B 18 -17.13 2.64 -9.48
N VAL B 19 -16.04 2.79 -8.75
CA VAL B 19 -14.92 1.86 -8.78
C VAL B 19 -14.72 1.26 -7.39
N THR B 20 -14.65 -0.06 -7.32
CA THR B 20 -14.44 -0.77 -6.07
C THR B 20 -13.17 -1.62 -6.15
N ILE B 21 -12.29 -1.44 -5.17
CA ILE B 21 -11.05 -2.19 -5.05
C ILE B 21 -11.07 -2.92 -3.72
N THR B 22 -10.70 -4.19 -3.73
CA THR B 22 -10.80 -5.05 -2.55
C THR B 22 -9.43 -5.52 -2.09
N CYS B 23 -9.27 -5.62 -0.77
CA CYS B 23 -8.04 -6.09 -0.14
C CYS B 23 -8.42 -7.04 0.99
N ARG B 24 -7.93 -8.27 0.90
CA ARG B 24 -8.24 -9.29 1.93
C ARG B 24 -6.98 -9.64 2.71
N ALA B 25 -7.08 -9.58 4.04
CA ALA B 25 -5.97 -9.95 4.91
C ALA B 25 -5.99 -11.44 5.15
N SER B 26 -4.81 -12.04 5.23
CA SER B 26 -4.74 -13.46 5.52
C SER B 26 -5.07 -13.79 6.97
N GLN B 27 -5.00 -12.80 7.88
CA GLN B 27 -5.41 -12.95 9.27
C GLN B 27 -6.00 -11.62 9.72
N SER B 28 -6.56 -11.61 10.92
CA SER B 28 -7.11 -10.36 11.43
C SER B 28 -6.00 -9.30 11.54
N VAL B 29 -6.30 -8.10 11.06
CA VAL B 29 -5.46 -6.94 11.28
C VAL B 29 -6.23 -5.84 12.02
N SER B 30 -7.32 -6.21 12.69
CA SER B 30 -8.28 -5.25 13.21
C SER B 30 -8.66 -4.28 12.10
N SER B 31 -8.69 -2.99 12.41
CA SER B 31 -9.01 -1.98 11.42
C SER B 31 -7.78 -1.23 10.93
N ALA B 32 -6.58 -1.70 11.30
CA ALA B 32 -5.34 -1.01 10.96
C ALA B 32 -4.98 -1.18 9.49
N VAL B 33 -5.79 -0.64 8.59
CA VAL B 33 -5.56 -0.76 7.16
C VAL B 33 -5.54 0.64 6.57
N ALA B 34 -4.58 0.92 5.68
CA ALA B 34 -4.55 2.20 5.00
C ALA B 34 -4.56 1.99 3.49
N TRP B 35 -4.97 3.02 2.75
CA TRP B 35 -4.97 3.01 1.29
C TRP B 35 -4.14 4.16 0.74
N TYR B 36 -3.33 3.88 -0.28
CA TYR B 36 -2.45 4.86 -0.89
C TYR B 36 -2.73 4.97 -2.39
N GLN B 37 -2.55 6.17 -2.92
CA GLN B 37 -2.58 6.39 -4.35
C GLN B 37 -1.16 6.67 -4.85
N GLN B 38 -0.79 6.09 -5.98
CA GLN B 38 0.52 6.41 -6.53
C GLN B 38 0.44 6.60 -8.03
N LYS B 39 1.13 7.62 -8.52
CA LYS B 39 1.24 7.96 -9.92
C LYS B 39 2.68 7.81 -10.38
N PRO B 40 2.92 7.58 -11.67
CA PRO B 40 4.30 7.30 -12.12
C PRO B 40 5.25 8.42 -11.73
N GLY B 41 6.40 8.03 -11.17
CA GLY B 41 7.43 8.99 -10.80
C GLY B 41 7.23 9.68 -9.47
N LYS B 42 6.14 9.43 -8.76
CA LYS B 42 5.83 10.12 -7.52
C LYS B 42 5.75 9.15 -6.34
N ALA B 43 5.99 9.68 -5.14
CA ALA B 43 5.76 8.93 -3.92
C ALA B 43 4.28 8.60 -3.74
N PRO B 44 3.97 7.53 -3.01
CA PRO B 44 2.57 7.27 -2.63
C PRO B 44 1.98 8.38 -1.77
N LYS B 45 0.65 8.51 -1.85
CA LYS B 45 -0.14 9.50 -1.12
C LYS B 45 -1.15 8.76 -0.25
N LEU B 46 -1.12 9.02 1.06
CA LEU B 46 -2.11 8.45 1.96
C LEU B 46 -3.47 9.00 1.64
N LEU B 47 -4.43 8.09 1.42
CA LEU B 47 -5.82 8.46 1.13
C LEU B 47 -6.74 8.16 2.30
N ILE B 48 -6.69 6.94 2.83
CA ILE B 48 -7.59 6.51 3.90
C ILE B 48 -6.76 5.79 4.96
N TYR B 49 -7.10 6.01 6.23
CA TYR B 49 -6.48 5.31 7.35
C TYR B 49 -7.56 4.73 8.26
N SER B 50 -7.14 3.83 9.14
CA SER B 50 -8.06 3.07 10.00
C SER B 50 -9.23 2.53 9.19
N ALA B 51 -8.93 2.04 7.98
CA ALA B 51 -9.88 1.40 7.09
C ALA B 51 -10.92 2.35 6.48
N SER B 52 -11.36 3.38 7.22
CA SER B 52 -12.50 4.15 6.74
C SER B 52 -12.43 5.66 6.98
N SER B 53 -11.37 6.21 7.57
CA SER B 53 -11.27 7.65 7.76
C SER B 53 -10.51 8.27 6.58
N LEU B 54 -10.99 9.42 6.10
CA LEU B 54 -10.33 10.11 5.00
C LEU B 54 -9.19 10.97 5.52
N TYR B 55 -8.04 10.85 4.89
CA TYR B 55 -6.96 11.76 5.20
C TYR B 55 -7.32 13.17 4.75
N SER B 56 -6.69 14.14 5.39
CA SER B 56 -6.96 15.55 5.09
C SER B 56 -6.69 15.85 3.62
N GLY B 57 -7.60 16.61 3.01
CA GLY B 57 -7.48 16.97 1.61
C GLY B 57 -7.98 15.94 0.62
N VAL B 58 -8.32 14.74 1.06
CA VAL B 58 -8.84 13.72 0.15
C VAL B 58 -10.32 14.00 -0.09
N PRO B 59 -10.77 14.09 -1.34
CA PRO B 59 -12.19 14.43 -1.61
C PRO B 59 -13.13 13.30 -1.20
N SER B 60 -14.40 13.65 -0.99
CA SER B 60 -15.31 12.72 -0.32
C SER B 60 -15.80 11.59 -1.23
N ARG B 61 -15.44 11.57 -2.51
CA ARG B 61 -15.79 10.41 -3.33
C ARG B 61 -15.01 9.17 -2.93
N PHE B 62 -13.88 9.32 -2.22
CA PHE B 62 -13.11 8.18 -1.73
C PHE B 62 -13.68 7.74 -0.40
N SER B 63 -14.02 6.45 -0.27
CA SER B 63 -14.42 5.90 1.01
C SER B 63 -13.80 4.51 1.18
N GLY B 64 -13.66 4.11 2.43
CA GLY B 64 -13.19 2.79 2.74
C GLY B 64 -14.17 2.07 3.64
N SER B 65 -14.05 0.74 3.67
CA SER B 65 -14.95 -0.06 4.48
C SER B 65 -14.24 -1.35 4.88
N ARG B 66 -14.67 -1.92 6.01
CA ARG B 66 -14.13 -3.17 6.52
C ARG B 66 -15.27 -4.13 6.79
N SER B 67 -15.12 -5.38 6.37
CA SER B 67 -15.95 -6.49 6.86
C SER B 67 -15.02 -7.65 7.20
N GLY B 68 -14.81 -7.88 8.48
CA GLY B 68 -13.89 -8.94 8.88
C GLY B 68 -12.51 -8.64 8.37
N THR B 69 -11.93 -9.59 7.63
CA THR B 69 -10.63 -9.39 7.01
C THR B 69 -10.75 -8.79 5.62
N ASP B 70 -11.95 -8.37 5.23
CA ASP B 70 -12.21 -7.84 3.90
C ASP B 70 -12.25 -6.32 3.94
N PHE B 71 -11.42 -5.70 3.12
CA PHE B 71 -11.31 -4.25 3.08
C PHE B 71 -11.59 -3.75 1.67
N THR B 72 -12.38 -2.69 1.57
CA THR B 72 -12.78 -2.17 0.27
C THR B 72 -12.43 -0.68 0.18
N LEU B 73 -11.84 -0.28 -0.94
CA LEU B 73 -11.73 1.13 -1.31
C LEU B 73 -12.75 1.40 -2.43
N THR B 74 -13.58 2.42 -2.25
CA THR B 74 -14.60 2.78 -3.24
C THR B 74 -14.36 4.21 -3.69
N ILE B 75 -14.40 4.44 -5.00
CA ILE B 75 -14.40 5.78 -5.57
C ILE B 75 -15.75 5.98 -6.25
N SER B 76 -16.58 6.87 -5.67
CA SER B 76 -17.99 6.87 -6.04
C SER B 76 -18.23 7.38 -7.46
N SER B 77 -17.37 8.28 -7.95
CA SER B 77 -17.54 8.87 -9.29
C SER B 77 -16.15 9.24 -9.79
N LEU B 78 -15.51 8.30 -10.48
CA LEU B 78 -14.12 8.44 -10.91
C LEU B 78 -13.86 9.74 -11.66
N GLN B 79 -12.77 10.41 -11.32
CA GLN B 79 -12.44 11.68 -11.96
C GLN B 79 -11.13 11.54 -12.72
N PRO B 80 -10.88 12.39 -13.72
CA PRO B 80 -9.69 12.18 -14.57
C PRO B 80 -8.40 12.08 -13.79
N GLU B 81 -8.27 12.81 -12.69
CA GLU B 81 -7.02 12.74 -11.90
C GLU B 81 -6.92 11.47 -11.06
N ASP B 82 -7.94 10.61 -11.05
CA ASP B 82 -7.96 9.44 -10.17
C ASP B 82 -7.35 8.20 -10.81
N PHE B 83 -7.02 8.25 -12.09
CA PHE B 83 -6.39 7.11 -12.72
C PHE B 83 -4.96 7.01 -12.20
N ALA B 84 -4.64 5.88 -11.58
CA ALA B 84 -3.39 5.74 -10.84
C ALA B 84 -3.30 4.31 -10.36
N THR B 85 -2.30 3.98 -9.55
CA THR B 85 -2.25 2.70 -8.85
C THR B 85 -2.58 2.93 -7.38
N TYR B 86 -3.42 2.06 -6.82
CA TYR B 86 -3.83 2.12 -5.42
C TYR B 86 -3.26 0.92 -4.68
N TYR B 87 -2.79 1.15 -3.46
CA TYR B 87 -2.23 0.10 -2.62
C TYR B 87 -2.95 0.09 -1.29
N CYS B 88 -3.29 -1.09 -0.80
CA CYS B 88 -3.68 -1.22 0.59
C CYS B 88 -2.45 -1.57 1.42
N GLN B 89 -2.58 -1.36 2.74
CA GLN B 89 -1.50 -1.64 3.68
C GLN B 89 -2.08 -1.97 5.04
N GLN B 90 -1.53 -2.99 5.68
CA GLN B 90 -1.82 -3.27 7.08
C GLN B 90 -0.60 -2.88 7.91
N SER B 91 -0.85 -2.21 9.03
CA SER B 91 0.21 -1.83 9.95
C SER B 91 -0.15 -2.30 11.36
N SER B 92 -0.91 -3.40 11.43
CA SER B 92 -1.31 -3.96 12.71
C SER B 92 -0.16 -4.75 13.34
N TYR B 93 0.75 -5.26 12.52
CA TYR B 93 1.95 -5.94 13.00
C TYR B 93 3.18 -5.12 12.63
N SER B 94 4.25 -5.34 13.39
CA SER B 94 5.49 -4.64 13.13
C SER B 94 6.02 -4.96 11.73
N LEU B 95 5.79 -6.17 11.24
CA LEU B 95 6.12 -6.47 9.84
C LEU B 95 4.98 -5.95 8.97
N ILE B 96 5.12 -4.70 8.55
CA ILE B 96 4.15 -4.04 7.68
C ILE B 96 4.15 -4.70 6.31
N THR B 97 2.96 -4.93 5.75
CA THR B 97 2.85 -5.48 4.40
C THR B 97 1.86 -4.68 3.57
N PHE B 98 2.07 -4.70 2.25
CA PHE B 98 1.24 -4.00 1.29
C PHE B 98 0.51 -4.98 0.38
N GLY B 99 -0.64 -4.56 -0.13
CA GLY B 99 -1.22 -5.24 -1.26
C GLY B 99 -0.35 -5.07 -2.50
N GLN B 100 -0.59 -5.94 -3.48
CA GLN B 100 0.18 -5.85 -4.71
C GLN B 100 -0.21 -4.65 -5.56
N GLY B 101 -1.27 -3.93 -5.21
CA GLY B 101 -1.62 -2.77 -5.99
C GLY B 101 -2.70 -3.07 -7.03
N THR B 102 -3.46 -2.03 -7.37
CA THR B 102 -4.51 -2.10 -8.38
C THR B 102 -4.33 -0.89 -9.27
N LYS B 103 -4.04 -1.10 -10.55
CA LYS B 103 -3.95 0.00 -11.48
C LYS B 103 -5.32 0.30 -12.07
N VAL B 104 -5.73 1.56 -12.00
CA VAL B 104 -7.00 2.03 -12.56
C VAL B 104 -6.66 2.76 -13.85
N GLU B 105 -6.94 2.11 -14.98
CA GLU B 105 -6.68 2.63 -16.31
C GLU B 105 -7.93 3.18 -17.00
N ILE B 106 -7.70 3.99 -18.02
CA ILE B 106 -8.72 4.73 -18.73
C ILE B 106 -9.39 3.80 -19.74
N LYS B 107 -10.71 3.67 -19.66
CA LYS B 107 -11.41 2.89 -20.67
C LYS B 107 -11.68 3.76 -21.90
N ARG B 108 -11.62 3.15 -23.07
CA ARG B 108 -11.94 3.86 -24.31
C ARG B 108 -12.44 2.84 -25.32
N THR B 109 -12.76 3.32 -26.52
CA THR B 109 -13.25 2.39 -27.54
C THR B 109 -12.14 1.45 -27.99
N VAL B 110 -12.58 0.29 -28.50
CA VAL B 110 -11.64 -0.67 -29.07
C VAL B 110 -10.89 -0.02 -30.22
N ALA B 111 -9.61 -0.38 -30.38
CA ALA B 111 -8.82 0.18 -31.46
C ALA B 111 -7.84 -0.88 -31.95
N ALA B 112 -7.90 -1.21 -33.25
CA ALA B 112 -7.04 -2.24 -33.80
C ALA B 112 -5.61 -1.69 -33.91
N PRO B 113 -4.59 -2.50 -33.65
CA PRO B 113 -3.23 -1.99 -33.80
C PRO B 113 -2.80 -1.92 -35.26
N SER B 114 -1.92 -0.98 -35.55
CA SER B 114 -1.11 -1.07 -36.75
C SER B 114 0.05 -2.01 -36.47
N VAL B 115 0.20 -3.05 -37.28
CA VAL B 115 1.18 -4.12 -37.02
C VAL B 115 2.33 -3.98 -38.02
N PHE B 116 3.55 -4.01 -37.51
CA PHE B 116 4.75 -3.92 -38.34
C PHE B 116 5.71 -5.02 -37.92
N ILE B 117 6.41 -5.62 -38.87
CA ILE B 117 7.41 -6.64 -38.57
C ILE B 117 8.76 -6.18 -39.13
N PHE B 118 9.82 -6.35 -38.34
CA PHE B 118 11.18 -5.95 -38.69
C PHE B 118 12.07 -7.18 -38.70
N PRO B 119 12.71 -7.52 -39.82
CA PRO B 119 13.76 -8.55 -39.80
C PRO B 119 14.93 -8.11 -38.94
N PRO B 120 15.81 -9.03 -38.56
CA PRO B 120 17.06 -8.62 -37.92
C PRO B 120 17.90 -7.85 -38.93
N SER B 121 18.61 -6.84 -38.44
CA SER B 121 19.53 -6.12 -39.30
C SER B 121 20.69 -7.02 -39.68
N ASP B 122 21.38 -6.64 -40.77
CA ASP B 122 22.57 -7.38 -41.16
C ASP B 122 23.68 -7.22 -40.13
N GLU B 123 23.78 -6.05 -39.49
CA GLU B 123 24.83 -5.83 -38.50
C GLU B 123 24.71 -6.83 -37.36
N GLN B 124 23.50 -7.00 -36.82
CA GLN B 124 23.31 -7.90 -35.69
C GLN B 124 23.64 -9.35 -36.05
N LEU B 125 23.22 -9.79 -37.23
CA LEU B 125 23.53 -11.15 -37.68
C LEU B 125 25.02 -11.47 -37.53
N LYS B 126 25.87 -10.45 -37.63
CA LYS B 126 27.31 -10.67 -37.49
C LYS B 126 27.67 -11.14 -36.07
N SER B 127 26.85 -10.81 -35.08
CA SER B 127 27.08 -11.19 -33.69
C SER B 127 26.67 -12.63 -33.38
N GLY B 128 26.02 -13.33 -34.31
CA GLY B 128 25.57 -14.68 -34.07
C GLY B 128 24.16 -14.81 -33.52
N THR B 129 23.50 -13.71 -33.19
CA THR B 129 22.11 -13.71 -32.76
C THR B 129 21.27 -12.91 -33.75
N ALA B 130 19.98 -13.27 -33.85
CA ALA B 130 19.01 -12.56 -34.68
C ALA B 130 17.79 -12.21 -33.84
N SER B 131 17.45 -10.92 -33.79
CA SER B 131 16.24 -10.46 -33.12
C SER B 131 15.23 -10.04 -34.19
N VAL B 132 14.05 -10.65 -34.17
CA VAL B 132 12.92 -10.27 -35.01
C VAL B 132 11.90 -9.54 -34.15
N VAL B 133 11.47 -8.37 -34.59
CA VAL B 133 10.63 -7.51 -33.76
C VAL B 133 9.29 -7.28 -34.44
N CYS B 134 8.22 -7.42 -33.67
CA CYS B 134 6.86 -7.16 -34.12
C CYS B 134 6.30 -6.04 -33.27
N LEU B 135 5.81 -5.00 -33.91
CA LEU B 135 5.30 -3.81 -33.24
C LEU B 135 3.79 -3.75 -33.42
N LEU B 136 3.07 -3.58 -32.33
CA LEU B 136 1.64 -3.30 -32.32
C LEU B 136 1.48 -1.86 -31.86
N ASN B 137 1.09 -0.98 -32.76
CA ASN B 137 1.11 0.46 -32.48
C ASN B 137 -0.30 1.00 -32.22
N ASN B 138 -0.46 1.66 -31.06
CA ASN B 138 -1.65 2.42 -30.67
C ASN B 138 -2.93 1.57 -30.76
N PHE B 139 -3.05 0.61 -29.85
CA PHE B 139 -4.25 -0.23 -29.85
C PHE B 139 -4.92 -0.20 -28.47
N TYR B 140 -6.15 -0.71 -28.44
CA TYR B 140 -6.98 -0.84 -27.25
C TYR B 140 -7.95 -1.98 -27.50
N PRO B 141 -8.18 -2.86 -26.52
CA PRO B 141 -7.62 -2.85 -25.16
C PRO B 141 -6.23 -3.47 -25.18
N ARG B 142 -5.66 -3.60 -23.99
CA ARG B 142 -4.28 -4.05 -23.86
C ARG B 142 -4.12 -5.52 -24.22
N GLU B 143 -5.08 -6.35 -23.86
CA GLU B 143 -4.96 -7.79 -24.07
C GLU B 143 -4.88 -8.11 -25.56
N ALA B 144 -3.86 -8.87 -25.94
CA ALA B 144 -3.71 -9.33 -27.31
C ALA B 144 -2.84 -10.57 -27.26
N LYS B 145 -3.09 -11.49 -28.16
CA LYS B 145 -2.28 -12.69 -28.27
C LYS B 145 -1.36 -12.50 -29.46
N VAL B 146 -0.05 -12.50 -29.22
CA VAL B 146 0.94 -12.32 -30.28
C VAL B 146 1.72 -13.63 -30.38
N SER B 147 1.66 -14.25 -31.55
CA SER B 147 2.28 -15.55 -31.76
C SER B 147 3.27 -15.46 -32.92
N TRP B 148 4.38 -16.16 -32.79
CA TRP B 148 5.42 -16.19 -33.81
C TRP B 148 5.39 -17.52 -34.56
N TYR B 149 5.52 -17.43 -35.88
CA TYR B 149 5.60 -18.59 -36.75
C TYR B 149 6.86 -18.48 -37.59
N VAL B 150 7.60 -19.58 -37.69
CA VAL B 150 8.81 -19.66 -38.49
C VAL B 150 8.63 -20.81 -39.45
N ASP B 151 8.48 -20.49 -40.74
CA ASP B 151 8.13 -21.50 -41.74
C ASP B 151 6.86 -22.24 -41.31
N ASN B 152 5.90 -21.49 -40.75
CA ASN B 152 4.60 -22.00 -40.31
C ASN B 152 4.70 -22.86 -39.05
N ALA B 153 5.81 -22.79 -38.33
CA ALA B 153 5.95 -23.52 -37.07
C ALA B 153 5.77 -22.53 -35.93
N LEU B 154 4.76 -22.78 -35.09
CA LEU B 154 4.51 -21.91 -33.94
C LEU B 154 5.69 -21.91 -32.97
N GLN B 155 6.18 -20.72 -32.64
CA GLN B 155 7.28 -20.58 -31.69
C GLN B 155 6.78 -20.48 -30.27
N SER B 156 7.58 -20.99 -29.33
CA SER B 156 7.28 -20.81 -27.91
C SER B 156 8.57 -20.79 -27.11
N GLY B 157 8.63 -19.90 -26.12
CA GLY B 157 9.71 -19.86 -25.18
C GLY B 157 10.86 -18.97 -25.57
N ASN B 158 10.82 -18.42 -26.79
CA ASN B 158 11.93 -17.68 -27.35
C ASN B 158 11.53 -16.27 -27.75
N SER B 159 10.47 -15.72 -27.16
CA SER B 159 10.08 -14.34 -27.44
C SER B 159 9.70 -13.63 -26.15
N GLN B 160 9.85 -12.31 -26.15
CA GLN B 160 9.54 -11.48 -24.99
C GLN B 160 8.76 -10.26 -25.43
N GLU B 161 7.82 -9.83 -24.59
CA GLU B 161 6.97 -8.69 -24.88
C GLU B 161 7.28 -7.54 -23.93
N SER B 162 7.05 -6.33 -24.44
CA SER B 162 7.07 -5.10 -23.65
C SER B 162 5.88 -4.27 -24.09
N VAL B 163 5.26 -3.54 -23.17
CA VAL B 163 4.10 -2.71 -23.47
C VAL B 163 4.27 -1.35 -22.81
N THR B 164 3.86 -0.30 -23.50
CA THR B 164 3.93 1.04 -22.93
C THR B 164 2.77 1.26 -21.97
N GLU B 165 2.86 2.34 -21.19
CA GLU B 165 1.67 2.83 -20.50
C GLU B 165 0.71 3.47 -21.49
N GLN B 166 -0.53 3.68 -21.02
CA GLN B 166 -1.55 4.33 -21.82
C GLN B 166 -1.06 5.69 -22.31
N ASP B 167 -1.25 5.96 -23.60
CA ASP B 167 -0.84 7.26 -24.13
C ASP B 167 -1.70 8.36 -23.53
N SER B 168 -1.04 9.46 -23.15
CA SER B 168 -1.76 10.53 -22.49
C SER B 168 -2.73 11.26 -23.41
N LYS B 169 -2.60 11.10 -24.73
CA LYS B 169 -3.54 11.75 -25.63
C LYS B 169 -4.71 10.83 -25.96
N ASP B 170 -4.43 9.63 -26.48
CA ASP B 170 -5.48 8.77 -27.01
C ASP B 170 -5.73 7.52 -26.17
N SER B 171 -5.05 7.37 -25.02
CA SER B 171 -5.28 6.28 -24.09
C SER B 171 -5.04 4.90 -24.71
N THR B 172 -4.26 4.84 -25.79
CA THR B 172 -3.96 3.55 -26.37
C THR B 172 -2.66 3.00 -25.79
N TYR B 173 -2.42 1.73 -26.08
CA TYR B 173 -1.22 1.00 -25.77
C TYR B 173 -0.46 0.73 -27.05
N SER B 174 0.86 0.57 -26.92
CA SER B 174 1.70 -0.01 -27.96
C SER B 174 2.50 -1.15 -27.35
N LEU B 175 2.82 -2.14 -28.16
CA LEU B 175 3.41 -3.37 -27.65
C LEU B 175 4.46 -3.85 -28.63
N SER B 176 5.57 -4.35 -28.10
CA SER B 176 6.61 -4.98 -28.90
C SER B 176 6.71 -6.44 -28.50
N SER B 177 6.93 -7.30 -29.49
CA SER B 177 7.25 -8.69 -29.24
C SER B 177 8.54 -9.00 -29.98
N THR B 178 9.53 -9.55 -29.26
CA THR B 178 10.87 -9.76 -29.80
C THR B 178 11.21 -11.25 -29.76
N LEU B 179 11.36 -11.85 -30.94
CA LEU B 179 11.76 -13.23 -31.07
C LEU B 179 13.29 -13.31 -31.20
N THR B 180 13.93 -14.13 -30.37
CA THR B 180 15.39 -14.28 -30.40
C THR B 180 15.76 -15.67 -30.93
N LEU B 181 16.60 -15.69 -31.96
CA LEU B 181 17.09 -16.91 -32.56
C LEU B 181 18.60 -16.85 -32.70
N SER B 182 19.21 -18.01 -32.82
CA SER B 182 20.60 -17.98 -33.27
C SER B 182 20.63 -17.59 -34.75
N LYS B 183 21.77 -17.04 -35.17
CA LYS B 183 21.98 -16.79 -36.59
C LYS B 183 21.77 -18.07 -37.38
N ALA B 184 22.39 -19.16 -36.92
CA ALA B 184 22.29 -20.43 -37.64
C ALA B 184 20.84 -20.88 -37.81
N ASP B 185 20.01 -20.66 -36.78
CA ASP B 185 18.61 -21.01 -36.90
C ASP B 185 17.88 -20.02 -37.83
N TYR B 186 18.20 -18.73 -37.72
CA TYR B 186 17.56 -17.74 -38.59
C TYR B 186 17.81 -18.03 -40.06
N GLU B 187 19.04 -18.42 -40.42
CA GLU B 187 19.41 -18.60 -41.82
C GLU B 187 18.92 -19.91 -42.41
N LYS B 188 18.42 -20.85 -41.60
CA LYS B 188 17.95 -22.09 -42.16
C LYS B 188 16.44 -22.07 -42.44
N HIS B 189 15.75 -20.96 -42.18
CA HIS B 189 14.33 -20.84 -42.45
C HIS B 189 14.07 -19.60 -43.29
N LYS B 190 12.86 -19.54 -43.85
CA LYS B 190 12.52 -18.52 -44.85
C LYS B 190 11.44 -17.57 -44.35
N VAL B 191 10.28 -18.08 -43.95
CA VAL B 191 9.09 -17.25 -43.73
C VAL B 191 8.97 -16.96 -42.24
N TYR B 192 8.98 -15.68 -41.90
CA TYR B 192 8.86 -15.23 -40.52
C TYR B 192 7.55 -14.45 -40.37
N ALA B 193 6.75 -14.81 -39.37
CA ALA B 193 5.40 -14.24 -39.26
C ALA B 193 5.06 -13.92 -37.82
N CYS B 194 4.50 -12.73 -37.62
CA CYS B 194 3.94 -12.29 -36.36
C CYS B 194 2.42 -12.27 -36.51
N GLU B 195 1.70 -13.04 -35.68
CA GLU B 195 0.25 -13.07 -35.76
C GLU B 195 -0.33 -12.45 -34.49
N VAL B 196 -1.16 -11.41 -34.65
CA VAL B 196 -1.78 -10.67 -33.57
C VAL B 196 -3.27 -10.97 -33.59
N THR B 197 -3.82 -11.39 -32.44
CA THR B 197 -5.23 -11.73 -32.33
C THR B 197 -5.85 -10.89 -31.21
N GLN B 198 -6.96 -10.23 -31.52
CA GLN B 198 -7.78 -9.58 -30.50
C GLN B 198 -9.22 -9.94 -30.79
N GLY B 199 -9.91 -10.50 -29.79
CA GLY B 199 -11.28 -10.94 -29.96
C GLY B 199 -11.45 -11.82 -31.18
N THR B 200 -12.31 -11.40 -32.12
CA THR B 200 -12.59 -12.20 -33.29
C THR B 200 -11.72 -11.86 -34.51
N THR B 201 -10.59 -11.18 -34.33
CA THR B 201 -9.79 -10.80 -35.50
C THR B 201 -8.33 -11.18 -35.33
N SER B 202 -7.75 -11.79 -36.36
CA SER B 202 -6.32 -12.05 -36.38
C SER B 202 -5.69 -11.35 -37.56
N VAL B 203 -4.53 -10.72 -37.33
CA VAL B 203 -3.74 -10.10 -38.39
C VAL B 203 -2.34 -10.68 -38.36
N THR B 204 -1.87 -11.18 -39.51
CA THR B 204 -0.51 -11.74 -39.62
C THR B 204 0.31 -10.91 -40.60
N LYS B 205 1.47 -10.43 -40.13
CA LYS B 205 2.44 -9.73 -40.96
C LYS B 205 3.69 -10.60 -41.08
N SER B 206 4.18 -10.78 -42.30
CA SER B 206 5.29 -11.71 -42.50
C SER B 206 6.35 -11.10 -43.42
N PHE B 207 7.53 -11.71 -43.42
CA PHE B 207 8.52 -11.45 -44.48
C PHE B 207 9.20 -12.75 -44.84
N ASN B 208 9.89 -12.74 -45.98
CA ASN B 208 10.71 -13.87 -46.38
C ASN B 208 12.16 -13.40 -46.31
N ARG B 209 12.98 -14.13 -45.55
CA ARG B 209 14.39 -13.78 -45.41
C ARG B 209 15.01 -13.63 -46.79
N GLY B 210 15.64 -12.48 -47.02
CA GLY B 210 15.99 -12.04 -48.36
C GLY B 210 14.91 -11.13 -48.91
N GLU B 211 14.76 -11.10 -50.23
CA GLU B 211 13.63 -10.41 -50.87
C GLU B 211 13.52 -8.93 -50.51
N ASP C 8 -8.49 5.00 43.02
CA ASP C 8 -9.89 5.10 43.43
C ASP C 8 -10.57 3.74 43.45
N PRO C 9 -11.26 3.42 44.55
CA PRO C 9 -12.14 2.26 44.57
C PRO C 9 -13.08 2.16 43.38
N LYS C 10 -13.35 3.28 42.70
CA LYS C 10 -14.22 3.25 41.52
C LYS C 10 -13.48 2.71 40.31
N PHE C 11 -12.28 3.24 40.03
CA PHE C 11 -11.46 2.70 38.95
C PHE C 11 -11.19 1.21 39.17
N GLU C 12 -10.84 0.83 40.41
CA GLU C 12 -10.55 -0.56 40.72
C GLU C 12 -11.77 -1.45 40.46
N SER C 13 -12.95 -1.00 40.91
CA SER C 13 -14.16 -1.79 40.66
C SER C 13 -14.49 -1.83 39.17
N LYS C 14 -14.33 -0.71 38.46
CA LYS C 14 -14.60 -0.71 37.02
C LYS C 14 -13.55 -1.53 36.28
N ALA C 15 -12.28 -1.44 36.69
CA ALA C 15 -11.25 -2.27 36.09
C ALA C 15 -11.52 -3.74 36.33
N ALA C 16 -11.88 -4.10 37.57
CA ALA C 16 -12.24 -5.48 37.87
C ALA C 16 -13.38 -5.95 36.97
N LEU C 17 -14.39 -5.10 36.76
CA LEU C 17 -15.50 -5.46 35.89
C LEU C 17 -15.02 -5.75 34.48
N LEU C 18 -14.18 -4.86 33.94
CA LEU C 18 -13.65 -5.08 32.60
C LEU C 18 -12.75 -6.30 32.53
N ALA C 19 -11.83 -6.45 33.50
CA ALA C 19 -10.94 -7.61 33.51
C ALA C 19 -11.71 -8.93 33.55
N ALA C 20 -12.91 -8.95 34.15
CA ALA C 20 -13.66 -10.19 34.19
C ALA C 20 -14.19 -10.58 32.83
N ARG C 21 -14.35 -9.63 31.90
CA ARG C 21 -14.91 -9.87 30.58
C ARG C 21 -13.88 -9.91 29.47
N GLY C 22 -12.92 -8.98 29.45
CA GLY C 22 -12.05 -8.85 28.30
C GLY C 22 -12.83 -8.41 27.08
N PRO C 23 -12.64 -9.08 25.93
CA PRO C 23 -11.84 -10.30 25.70
C PRO C 23 -10.32 -10.07 25.54
N GLU C 24 -9.85 -8.85 25.30
CA GLU C 24 -8.44 -8.64 25.03
C GLU C 24 -7.64 -8.64 26.31
N GLU C 25 -6.35 -8.89 26.18
CA GLU C 25 -5.46 -8.74 27.34
C GLU C 25 -5.22 -7.28 27.67
N LEU C 26 -4.98 -6.45 26.65
CA LEU C 26 -4.79 -5.02 26.87
C LEU C 26 -6.14 -4.32 26.82
N LEU C 27 -6.59 -3.84 27.97
CA LEU C 27 -7.92 -3.30 28.15
C LEU C 27 -7.85 -1.80 28.46
N CYS C 28 -8.70 -1.02 27.78
CA CYS C 28 -8.79 0.42 28.01
C CYS C 28 -10.26 0.79 28.21
N PHE C 29 -10.50 1.75 29.10
CA PHE C 29 -11.85 2.26 29.24
C PHE C 29 -11.80 3.72 29.66
N THR C 30 -12.81 4.46 29.22
CA THR C 30 -13.01 5.83 29.66
C THR C 30 -14.27 5.88 30.52
N GLU C 31 -14.31 6.86 31.41
CA GLU C 31 -15.47 7.08 32.27
C GLU C 31 -16.31 8.26 31.82
N ARG C 32 -15.68 9.37 31.41
N ARG C 32 -15.67 9.37 31.42
CA ARG C 32 -16.42 10.58 31.05
CA ARG C 32 -16.37 10.60 31.08
C ARG C 32 -15.91 11.18 29.75
C ARG C 32 -15.92 11.18 29.75
N LEU C 33 -15.34 10.37 28.86
CA LEU C 33 -14.85 10.79 27.54
C LEU C 33 -13.76 11.84 27.60
N GLU C 34 -13.20 12.13 28.78
CA GLU C 34 -12.10 13.07 28.95
C GLU C 34 -10.92 12.42 29.67
N ASP C 35 -10.83 11.10 29.58
CA ASP C 35 -9.91 10.33 30.39
C ASP C 35 -9.71 8.98 29.72
N LEU C 36 -8.63 8.30 30.09
CA LEU C 36 -8.41 6.95 29.61
C LEU C 36 -7.41 6.26 30.50
N VAL C 37 -7.72 5.03 30.87
CA VAL C 37 -6.78 4.15 31.54
C VAL C 37 -6.69 2.85 30.75
N CYS C 38 -5.47 2.36 30.57
CA CYS C 38 -5.22 1.09 29.90
C CYS C 38 -4.43 0.18 30.82
N PHE C 39 -4.79 -1.09 30.85
CA PHE C 39 -4.15 -2.00 31.80
C PHE C 39 -4.11 -3.40 31.23
N TRP C 40 -3.25 -4.22 31.81
CA TRP C 40 -3.26 -5.64 31.48
C TRP C 40 -2.80 -6.41 32.69
N GLU C 41 -3.03 -7.72 32.66
CA GLU C 41 -2.63 -8.57 33.76
C GLU C 41 -1.77 -9.70 33.24
N GLU C 42 -0.77 -10.08 34.02
CA GLU C 42 0.11 -11.19 33.67
C GLU C 42 0.54 -11.87 34.96
N ALA C 43 1.24 -12.99 34.81
CA ALA C 43 1.78 -13.69 35.96
C ALA C 43 2.92 -12.89 36.58
N ALA C 44 3.04 -12.99 37.90
CA ALA C 44 4.08 -12.28 38.64
C ALA C 44 5.44 -12.89 38.37
N SER C 45 6.38 -12.08 37.89
CA SER C 45 7.77 -12.48 37.67
C SER C 45 8.68 -11.67 38.58
N ALA C 46 9.58 -12.37 39.28
CA ALA C 46 10.35 -11.73 40.35
C ALA C 46 11.20 -10.57 39.85
N GLY C 47 11.69 -10.63 38.63
CA GLY C 47 12.46 -9.55 38.06
C GLY C 47 11.69 -8.58 37.21
N VAL C 48 10.37 -8.73 37.09
CA VAL C 48 9.58 -7.91 36.18
C VAL C 48 8.81 -6.87 36.99
N GLY C 49 9.18 -5.61 36.79
CA GLY C 49 8.38 -4.49 37.21
C GLY C 49 8.10 -3.60 36.01
N PRO C 50 7.47 -2.45 36.23
CA PRO C 50 7.15 -1.53 35.12
C PRO C 50 8.35 -1.14 34.26
N GLY C 51 9.56 -1.24 34.82
CA GLY C 51 10.78 -0.92 34.10
C GLY C 51 11.04 -1.82 32.90
N ASN C 52 10.52 -3.04 32.92
CA ASN C 52 10.70 -3.97 31.81
C ASN C 52 9.71 -3.77 30.68
N TYR C 53 8.90 -2.72 30.72
CA TYR C 53 7.96 -2.44 29.64
C TYR C 53 7.94 -0.95 29.36
N SER C 54 7.67 -0.62 28.10
N SER C 54 7.68 -0.62 28.09
CA SER C 54 7.50 0.75 27.67
CA SER C 54 7.49 0.74 27.63
C SER C 54 6.10 0.90 27.07
C SER C 54 6.08 0.88 27.08
N PHE C 55 5.34 1.88 27.55
CA PHE C 55 4.01 2.19 27.05
C PHE C 55 4.11 3.46 26.23
N SER C 56 3.82 3.36 24.93
CA SER C 56 3.94 4.50 24.03
C SER C 56 2.65 4.63 23.24
N TYR C 57 2.35 5.86 22.82
CA TYR C 57 1.13 6.07 22.06
C TYR C 57 1.28 7.28 21.15
N GLN C 58 0.48 7.27 20.07
CA GLN C 58 0.35 8.40 19.17
C GLN C 58 -1.11 8.69 18.92
N LEU C 59 -1.46 9.96 19.02
CA LEU C 59 -2.78 10.45 18.68
C LEU C 59 -2.66 11.20 17.36
N GLU C 60 -3.49 10.84 16.38
CA GLU C 60 -3.48 11.51 15.07
C GLU C 60 -2.06 11.44 14.49
N ASP C 61 -1.46 12.55 14.07
CA ASP C 61 -0.09 12.59 13.59
C ASP C 61 0.80 13.41 14.53
N GLU C 62 0.47 13.42 15.80
CA GLU C 62 1.24 14.13 16.80
C GLU C 62 2.47 13.32 17.18
N PRO C 63 3.46 13.96 17.80
CA PRO C 63 4.60 13.19 18.31
C PRO C 63 4.15 12.06 19.22
N TRP C 64 4.80 10.91 19.09
CA TRP C 64 4.53 9.79 19.97
C TRP C 64 4.88 10.18 21.41
N LYS C 65 4.17 9.59 22.35
CA LYS C 65 4.38 9.91 23.75
C LYS C 65 4.55 8.63 24.54
N LEU C 66 5.23 8.74 25.67
CA LEU C 66 5.42 7.64 26.61
C LEU C 66 4.52 7.85 27.82
N CYS C 67 4.01 6.75 28.37
CA CYS C 67 3.16 6.80 29.54
C CYS C 67 3.80 6.02 30.68
N ARG C 68 3.97 6.67 31.83
CA ARG C 68 4.55 6.02 32.99
C ARG C 68 3.68 4.85 33.43
N LEU C 69 4.28 3.66 33.51
CA LEU C 69 3.56 2.46 33.87
C LEU C 69 3.52 2.30 35.38
N HIS C 70 2.34 1.98 35.89
CA HIS C 70 2.14 1.59 37.28
C HIS C 70 1.88 0.10 37.34
N GLN C 71 2.01 -0.45 38.55
CA GLN C 71 1.84 -1.88 38.75
C GLN C 71 1.28 -2.11 40.15
N ALA C 72 0.52 -3.20 40.32
CA ALA C 72 -0.06 -3.55 41.60
C ALA C 72 -0.47 -5.02 41.58
N PRO C 73 -0.40 -5.71 42.72
CA PRO C 73 -0.88 -7.09 42.78
C PRO C 73 -2.38 -7.18 42.51
N THR C 74 -2.80 -8.39 42.13
CA THR C 74 -4.20 -8.71 41.95
C THR C 74 -4.45 -10.10 42.53
N ALA C 75 -5.69 -10.57 42.45
CA ALA C 75 -6.00 -11.91 42.96
C ALA C 75 -5.29 -12.98 42.14
N ALA C 78 -1.61 -12.68 40.57
CA ALA C 78 -1.14 -12.07 39.34
C ALA C 78 -0.83 -10.59 39.55
N VAL C 79 -0.34 -9.93 38.50
CA VAL C 79 0.11 -8.55 38.58
C VAL C 79 -0.57 -7.74 37.48
N ARG C 80 -1.06 -6.56 37.84
CA ARG C 80 -1.72 -5.68 36.88
C ARG C 80 -0.83 -4.48 36.60
N PHE C 81 -0.54 -4.24 35.31
CA PHE C 81 0.13 -3.03 34.87
C PHE C 81 -0.89 -2.08 34.29
N TRP C 82 -0.72 -0.79 34.54
CA TRP C 82 -1.65 0.17 33.93
C TRP C 82 -0.99 1.52 33.72
N CYS C 83 -1.63 2.30 32.86
CA CYS C 83 -1.18 3.64 32.54
C CYS C 83 -2.41 4.52 32.51
N SER C 84 -2.25 5.75 32.97
CA SER C 84 -3.33 6.73 32.99
C SER C 84 -2.95 7.85 32.03
N LEU C 85 -3.76 8.03 30.98
CA LEU C 85 -3.38 8.93 29.90
C LEU C 85 -3.53 10.38 30.35
N PRO C 86 -2.61 11.30 29.94
CA PRO C 86 -2.80 12.71 30.21
C PRO C 86 -4.12 13.15 29.59
N THR C 87 -4.90 13.96 30.29
CA THR C 87 -6.24 14.37 29.81
C THR C 87 -6.12 15.05 28.44
N ALA C 88 -5.04 15.79 28.20
CA ALA C 88 -4.92 16.54 26.94
C ALA C 88 -4.94 15.57 25.76
N ASP C 89 -4.52 14.33 25.98
CA ASP C 89 -4.47 13.36 24.89
C ASP C 89 -5.66 12.41 24.88
N THR C 90 -6.80 12.80 25.48
CA THR C 90 -7.96 11.94 25.47
C THR C 90 -9.11 12.52 24.64
N SER C 91 -8.84 12.83 23.37
CA SER C 91 -9.85 13.36 22.46
C SER C 91 -10.61 12.22 21.79
N SER C 92 -11.88 12.46 21.50
CA SER C 92 -12.70 11.43 20.87
C SER C 92 -12.45 11.39 19.36
N PHE C 93 -13.00 10.34 18.73
CA PHE C 93 -13.16 10.27 17.28
C PHE C 93 -11.84 10.43 16.53
N VAL C 94 -10.75 10.05 17.18
CA VAL C 94 -9.43 10.07 16.56
C VAL C 94 -8.69 8.79 16.89
N PRO C 95 -7.87 8.31 15.97
CA PRO C 95 -7.10 7.09 16.24
C PRO C 95 -6.08 7.36 17.33
N LEU C 96 -6.24 6.67 18.46
CA LEU C 96 -5.20 6.60 19.48
C LEU C 96 -4.52 5.24 19.33
N GLU C 97 -3.29 5.25 18.84
CA GLU C 97 -2.54 4.03 18.63
C GLU C 97 -1.68 3.78 19.85
N LEU C 98 -1.85 2.62 20.48
CA LEU C 98 -1.16 2.22 21.69
C LEU C 98 -0.20 1.08 21.41
N ARG C 99 0.91 1.11 22.12
CA ARG C 99 1.89 0.03 22.05
C ARG C 99 2.51 -0.21 23.42
N VAL C 100 2.65 -1.49 23.76
CA VAL C 100 3.43 -1.94 24.90
C VAL C 100 4.58 -2.75 24.35
N THR C 101 5.79 -2.41 24.76
CA THR C 101 7.01 -2.97 24.16
C THR C 101 7.91 -3.44 25.29
N ALA C 102 8.44 -4.65 25.15
CA ALA C 102 9.38 -5.13 26.15
C ALA C 102 10.70 -4.34 26.07
N ALA C 103 11.52 -4.49 27.12
CA ALA C 103 12.79 -3.77 27.17
C ALA C 103 13.72 -4.21 26.05
N SER C 104 13.55 -5.42 25.53
CA SER C 104 14.32 -5.91 24.41
C SER C 104 13.91 -5.24 23.10
N GLY C 105 12.77 -4.57 23.07
CA GLY C 105 12.19 -4.05 21.85
C GLY C 105 11.12 -4.92 21.23
N ALA C 106 10.94 -6.14 21.74
CA ALA C 106 9.92 -7.03 21.20
C ALA C 106 8.53 -6.50 21.52
N PRO C 107 7.66 -6.34 20.53
CA PRO C 107 6.33 -5.81 20.82
C PRO C 107 5.55 -6.81 21.65
N ARG C 108 4.77 -6.28 22.59
CA ARG C 108 3.87 -7.06 23.41
C ARG C 108 2.41 -6.85 23.04
N TYR C 109 1.96 -5.60 23.03
CA TYR C 109 0.59 -5.27 22.67
C TYR C 109 0.59 -4.13 21.68
N HIS C 110 -0.44 -4.13 20.83
CA HIS C 110 -0.59 -3.09 19.82
C HIS C 110 -2.07 -2.96 19.53
N ARG C 111 -2.62 -1.76 19.76
CA ARG C 111 -4.06 -1.55 19.62
C ARG C 111 -4.35 -0.11 19.23
N VAL C 112 -5.26 0.06 18.30
CA VAL C 112 -5.84 1.37 18.02
C VAL C 112 -7.22 1.39 18.66
N ILE C 113 -7.54 2.49 19.34
CA ILE C 113 -8.84 2.57 20.00
C ILE C 113 -9.43 3.95 19.75
N HIS C 114 -10.75 4.00 19.85
CA HIS C 114 -11.49 5.24 19.85
C HIS C 114 -12.10 5.42 21.23
N ILE C 115 -11.74 6.52 21.90
CA ILE C 115 -12.13 6.69 23.30
C ILE C 115 -13.64 6.63 23.45
N ASN C 116 -14.36 7.18 22.47
CA ASN C 116 -15.82 7.15 22.47
C ASN C 116 -16.39 5.74 22.37
N GLU C 117 -15.54 4.74 22.16
CA GLU C 117 -16.05 3.36 21.95
C GLU C 117 -15.73 2.46 23.15
N VAL C 118 -15.05 3.00 24.16
CA VAL C 118 -14.72 2.17 25.31
C VAL C 118 -15.27 2.80 26.60
N VAL C 119 -16.55 3.18 26.59
CA VAL C 119 -17.16 3.86 27.73
C VAL C 119 -17.67 2.83 28.73
N LEU C 120 -17.31 3.00 30.00
CA LEU C 120 -17.83 2.19 31.10
C LEU C 120 -18.41 3.16 32.12
N LEU C 121 -19.72 3.22 32.21
CA LEU C 121 -20.39 4.21 33.04
C LEU C 121 -20.55 3.69 34.47
N ASP C 122 -20.89 4.61 35.38
CA ASP C 122 -21.43 4.19 36.66
C ASP C 122 -22.77 3.49 36.45
N ALA C 123 -23.24 2.81 37.49
CA ALA C 123 -24.53 2.14 37.40
C ALA C 123 -25.67 3.14 37.54
N PRO C 124 -26.83 2.85 36.94
CA PRO C 124 -28.02 3.66 37.19
C PRO C 124 -28.33 3.72 38.68
N VAL C 125 -29.04 4.77 39.09
CA VAL C 125 -29.38 4.98 40.49
C VAL C 125 -30.89 5.21 40.63
N GLY C 126 -31.34 5.19 41.88
CA GLY C 126 -32.71 5.55 42.23
C GLY C 126 -33.78 4.66 41.64
N LEU C 127 -33.49 3.38 41.43
CA LEU C 127 -34.48 2.44 40.95
C LEU C 127 -35.70 2.41 41.86
N VAL C 128 -36.88 2.37 41.26
CA VAL C 128 -38.14 2.35 42.01
C VAL C 128 -39.20 1.63 41.17
N ALA C 129 -40.04 0.84 41.85
CA ALA C 129 -41.14 0.13 41.22
C ALA C 129 -42.42 0.39 42.00
N ARG C 130 -43.53 0.38 41.27
CA ARG C 130 -44.85 0.57 41.89
C ARG C 130 -45.88 -0.20 41.05
N LEU C 131 -47.02 -0.46 41.67
CA LEU C 131 -48.11 -1.14 40.97
C LEU C 131 -48.83 -0.16 40.06
N ALA C 132 -49.09 -0.58 38.83
CA ALA C 132 -49.75 0.27 37.84
C ALA C 132 -51.24 0.48 38.14
N VAL C 138 -46.78 -3.42 36.72
CA VAL C 138 -45.60 -2.94 37.44
C VAL C 138 -44.76 -1.99 36.58
N VAL C 139 -44.71 -0.72 36.96
CA VAL C 139 -43.91 0.30 36.28
C VAL C 139 -42.58 0.44 37.00
N LEU C 140 -41.50 0.41 36.23
CA LEU C 140 -40.13 0.49 36.73
C LEU C 140 -39.49 1.78 36.23
N ARG C 141 -38.98 2.60 37.14
CA ARG C 141 -38.33 3.85 36.77
C ARG C 141 -36.99 3.99 37.47
N TRP C 142 -36.08 4.74 36.84
CA TRP C 142 -34.74 4.90 37.37
C TRP C 142 -34.14 6.19 36.82
N LEU C 143 -32.97 6.55 37.32
CA LEU C 143 -32.21 7.68 36.84
C LEU C 143 -30.94 7.20 36.16
N PRO C 144 -30.37 7.99 35.26
CA PRO C 144 -29.10 7.60 34.62
C PRO C 144 -27.97 7.69 35.63
N PRO C 145 -26.84 7.06 35.35
CA PRO C 145 -25.65 7.25 36.21
C PRO C 145 -25.43 8.72 36.52
N PRO C 146 -25.12 9.05 37.77
CA PRO C 146 -24.92 10.46 38.12
C PRO C 146 -23.62 11.01 37.55
N GLU C 147 -23.62 12.33 37.33
CA GLU C 147 -22.46 13.05 36.80
C GLU C 147 -21.97 12.42 35.49
N THR C 148 -22.89 12.32 34.53
CA THR C 148 -22.63 11.69 33.24
C THR C 148 -23.28 12.48 32.11
N PRO C 149 -22.52 13.01 31.18
CA PRO C 149 -23.11 13.77 30.08
C PRO C 149 -23.66 12.83 29.00
N MET C 150 -24.44 13.42 28.09
CA MET C 150 -25.09 12.71 26.99
C MET C 150 -25.95 11.56 27.48
N THR C 151 -26.83 11.86 28.45
CA THR C 151 -27.75 10.85 28.95
C THR C 151 -28.74 10.39 27.89
N SER C 152 -28.98 11.22 26.87
CA SER C 152 -29.89 10.84 25.80
C SER C 152 -29.32 9.70 24.96
N HIS C 153 -28.03 9.41 25.08
CA HIS C 153 -27.41 8.33 24.35
C HIS C 153 -27.16 7.09 25.21
N ILE C 154 -27.71 7.03 26.42
CA ILE C 154 -27.53 5.88 27.29
C ILE C 154 -28.68 4.91 27.10
N ARG C 155 -28.34 3.66 26.79
CA ARG C 155 -29.31 2.57 26.73
C ARG C 155 -29.14 1.67 27.95
N TYR C 156 -30.19 0.92 28.26
CA TYR C 156 -30.26 0.22 29.53
C TYR C 156 -30.75 -1.20 29.32
N GLU C 157 -30.60 -2.01 30.37
CA GLU C 157 -31.20 -3.33 30.42
C GLU C 157 -31.62 -3.62 31.85
N VAL C 158 -32.87 -4.03 32.02
CA VAL C 158 -33.41 -4.35 33.34
C VAL C 158 -33.45 -5.87 33.48
N ASP C 159 -33.32 -6.34 34.72
CA ASP C 159 -33.39 -7.76 35.02
C ASP C 159 -34.50 -8.01 36.02
N VAL C 160 -35.26 -9.09 35.80
CA VAL C 160 -36.37 -9.47 36.65
C VAL C 160 -36.06 -10.81 37.30
N SER C 161 -36.39 -10.94 38.58
CA SER C 161 -36.08 -12.15 39.34
C SER C 161 -37.04 -12.38 40.51
N VAL C 169 -35.17 -15.04 36.37
CA VAL C 169 -34.23 -14.59 35.35
C VAL C 169 -34.97 -14.19 34.07
N GLN C 170 -34.91 -12.89 33.74
CA GLN C 170 -35.54 -12.34 32.54
C GLN C 170 -34.97 -10.96 32.24
N ARG C 171 -34.35 -10.78 31.08
CA ARG C 171 -33.70 -9.53 30.70
C ARG C 171 -34.54 -8.78 29.68
N VAL C 172 -34.71 -7.47 29.91
CA VAL C 172 -35.50 -6.60 29.04
C VAL C 172 -34.61 -5.44 28.61
N GLU C 173 -34.57 -5.19 27.30
CA GLU C 173 -33.78 -4.10 26.74
C GLU C 173 -34.60 -2.82 26.64
N ILE C 174 -33.97 -1.69 26.95
CA ILE C 174 -34.61 -0.38 26.90
C ILE C 174 -33.89 0.49 25.89
N LEU C 175 -34.67 1.23 25.09
CA LEU C 175 -34.11 2.15 24.12
C LEU C 175 -33.37 3.29 24.81
N GLU C 176 -32.48 3.93 24.07
CA GLU C 176 -31.66 4.99 24.65
C GLU C 176 -32.52 6.18 25.05
N GLY C 177 -32.09 6.88 26.11
CA GLY C 177 -32.83 7.99 26.65
C GLY C 177 -34.07 7.61 27.46
N ARG C 178 -34.55 6.38 27.35
CA ARG C 178 -35.73 5.96 28.08
C ARG C 178 -35.34 5.44 29.45
N THR C 179 -35.98 5.96 30.50
CA THR C 179 -35.69 5.58 31.87
C THR C 179 -36.94 5.04 32.57
N GLU C 180 -37.76 4.29 31.85
CA GLU C 180 -38.93 3.66 32.43
C GLU C 180 -39.21 2.37 31.69
N CYS C 181 -39.70 1.36 32.42
CA CYS C 181 -40.05 0.07 31.84
C CYS C 181 -41.41 -0.35 32.38
N VAL C 182 -42.38 -0.54 31.49
CA VAL C 182 -43.68 -1.08 31.85
C VAL C 182 -43.61 -2.59 31.73
N LEU C 183 -43.78 -3.29 32.86
CA LEU C 183 -43.74 -4.75 32.88
C LEU C 183 -45.10 -5.29 33.31
N ASN C 185 -46.42 -8.31 32.35
CA ASN C 185 -46.74 -9.67 32.77
C ASN C 185 -45.98 -10.03 34.04
N LEU C 186 -46.67 -10.70 34.97
CA LEU C 186 -46.10 -11.13 36.25
C LEU C 186 -47.11 -12.07 36.91
N ARG C 187 -46.81 -12.48 38.14
CA ARG C 187 -47.68 -13.35 38.92
C ARG C 187 -48.11 -12.64 40.20
N GLY C 188 -49.36 -12.85 40.59
CA GLY C 188 -49.84 -12.29 41.85
C GLY C 188 -49.25 -13.01 43.05
N ARG C 189 -49.22 -12.31 44.17
CA ARG C 189 -48.58 -12.79 45.40
C ARG C 189 -47.16 -13.30 45.11
N THR C 190 -46.33 -12.41 44.59
CA THR C 190 -44.96 -12.78 44.21
C THR C 190 -44.03 -11.59 44.45
N ARG C 191 -42.84 -11.87 44.98
CA ARG C 191 -41.82 -10.86 45.23
C ARG C 191 -40.84 -10.85 44.07
N TYR C 192 -40.75 -9.70 43.40
CA TYR C 192 -39.90 -9.56 42.22
C TYR C 192 -38.76 -8.61 42.54
N THR C 193 -37.54 -9.01 42.24
CA THR C 193 -36.36 -8.17 42.43
C THR C 193 -35.89 -7.69 41.08
N PHE C 194 -35.79 -6.37 40.92
CA PHE C 194 -35.39 -5.71 39.68
C PHE C 194 -34.03 -5.05 39.84
N ALA C 195 -33.31 -4.91 38.72
CA ALA C 195 -32.05 -4.19 38.68
C ALA C 195 -31.75 -3.77 37.25
N VAL C 196 -31.05 -2.63 37.09
CA VAL C 196 -30.81 -2.01 35.81
C VAL C 196 -29.32 -1.75 35.64
N ARG C 197 -28.85 -1.78 34.39
CA ARG C 197 -27.50 -1.38 34.07
C ARG C 197 -27.51 -0.61 32.77
N ALA C 198 -26.42 0.13 32.52
CA ALA C 198 -26.40 1.14 31.49
C ALA C 198 -25.15 1.02 30.62
N ARG C 199 -25.34 1.34 29.34
N ARG C 199 -25.31 1.37 29.35
CA ARG C 199 -24.29 1.38 28.34
CA ARG C 199 -24.18 1.42 28.43
C ARG C 199 -24.46 2.65 27.52
C ARG C 199 -24.47 2.42 27.33
N MET C 200 -23.41 3.01 26.80
CA MET C 200 -23.54 3.99 25.72
C MET C 200 -24.03 3.29 24.46
N ALA C 201 -24.97 3.92 23.77
CA ALA C 201 -25.67 3.30 22.65
C ALA C 201 -24.99 3.63 21.32
N GLU C 202 -24.89 2.61 20.46
CA GLU C 202 -24.43 2.79 19.08
C GLU C 202 -25.31 3.82 18.36
N PRO C 203 -24.80 4.43 17.27
CA PRO C 203 -23.54 4.18 16.56
C PRO C 203 -22.38 5.11 16.94
N SER C 204 -22.67 6.30 17.46
CA SER C 204 -21.59 7.26 17.73
C SER C 204 -20.75 6.86 18.93
N PHE C 205 -21.31 6.10 19.87
CA PHE C 205 -20.62 5.71 21.07
C PHE C 205 -20.76 4.20 21.28
N GLY C 206 -19.87 3.67 22.12
CA GLY C 206 -19.91 2.26 22.47
C GLY C 206 -19.10 2.03 23.72
N GLY C 207 -19.12 0.79 24.19
CA GLY C 207 -18.46 0.49 25.45
C GLY C 207 -18.93 -0.79 26.10
N PHE C 208 -19.06 -0.78 27.43
CA PHE C 208 -19.32 -1.96 28.22
C PHE C 208 -20.39 -1.69 29.27
N TRP C 209 -21.15 -2.73 29.60
CA TRP C 209 -22.20 -2.60 30.60
C TRP C 209 -21.63 -2.15 31.94
N SER C 210 -22.33 -1.22 32.58
CA SER C 210 -21.97 -0.83 33.93
C SER C 210 -22.27 -1.97 34.90
N ALA C 211 -21.88 -1.76 36.15
CA ALA C 211 -22.40 -2.61 37.20
C ALA C 211 -23.94 -2.53 37.20
N TRP C 212 -24.56 -3.54 37.79
CA TRP C 212 -26.00 -3.45 38.03
C TRP C 212 -26.29 -2.39 39.09
N SER C 213 -27.48 -1.83 39.02
CA SER C 213 -27.89 -0.84 40.00
C SER C 213 -28.17 -1.52 41.33
N GLU C 214 -28.45 -0.70 42.33
CA GLU C 214 -29.00 -1.24 43.56
C GLU C 214 -30.38 -1.79 43.24
N PRO C 215 -30.70 -3.02 43.64
CA PRO C 215 -31.99 -3.60 43.30
C PRO C 215 -33.12 -3.10 44.19
N VAL C 216 -34.35 -3.38 43.75
CA VAL C 216 -35.56 -3.10 44.52
C VAL C 216 -36.51 -4.29 44.39
N SER C 217 -37.36 -4.48 45.41
CA SER C 217 -38.28 -5.60 45.48
C SER C 217 -39.72 -5.13 45.58
N LEU C 218 -40.63 -5.85 44.92
CA LEU C 218 -42.05 -5.56 44.99
C LEU C 218 -42.79 -6.87 45.15
N LEU C 219 -43.65 -6.94 46.18
CA LEU C 219 -44.47 -8.12 46.43
C LEU C 219 -45.76 -7.96 45.62
N THR C 220 -45.81 -8.58 44.45
CA THR C 220 -46.98 -8.53 43.59
C THR C 220 -48.08 -9.42 44.15
#